data_5K0X
#
_entry.id   5K0X
#
_cell.length_a   51.671
_cell.length_b   91.599
_cell.length_c   69.769
_cell.angle_alpha   90.000
_cell.angle_beta   102.370
_cell.angle_gamma   90.000
#
_symmetry.space_group_name_H-M   'P 1 21 1'
#
loop_
_entity.id
_entity.type
_entity.pdbx_description
1 polymer 'Tyrosine-protein kinase Mer'
2 non-polymer 'CHLORIDE ION'
3 non-polymer (7S)-7-amino-N-[(4-fluorophenyl)methyl]-8-oxo-2,9,16,18,21-pentaazabicyclo[15.3.1]henicosa-1(21),17,19-triene-20-carboxamide
4 water water
#
_entity_poly.entity_id   1
_entity_poly.type   'polypeptide(L)'
_entity_poly.pdbx_seq_one_letter_code
;MGSSHHHHHHSSGLVPRGSEELQNKLEDVVIDRNLLILGKILGEGEFGSVMEGNLKQEDGTSLKVAVKTMKLDNSSQREI
EEFLSEAACMKDFSHPNVIRLLGVCIEMSSQGIPKPMVILPFMKYGDLHTYLLYSRLETGPKHIPLQTLLKFMVDIALGM
EYLSNRNFLHRDLAARNCMLRDDMTVCVADFGLSKKIYSGDYYRQGRIAKMPVKWIAIESLADRVYTSKSDVWAFGVTMW
EIATRGMTPYPGVQNHEMYDYLLHGHRLKQPEDCLDELYEIMYSCWRTDPLDRPTFSVLRLQLEKLLESLPDV
;
_entity_poly.pdbx_strand_id   A,B
#
loop_
_chem_comp.id
_chem_comp.type
_chem_comp.name
_chem_comp.formula
CL non-polymer 'CHLORIDE ION' 'Cl -1'
K0X non-polymer (7S)-7-amino-N-[(4-fluorophenyl)methyl]-8-oxo-2,9,16,18,21-pentaazabicyclo[15.3.1]henicosa-1(21),17,19-triene-20-carboxamide 'C24 H34 F N7 O2'
#
# COMPACT_ATOMS: atom_id res chain seq x y z
N LYS A 25 17.67 32.71 24.94
CA LYS A 25 16.26 32.51 25.28
C LYS A 25 15.38 33.56 24.67
N LEU A 26 15.97 34.48 23.91
CA LEU A 26 15.19 35.46 23.17
C LEU A 26 14.54 34.70 22.00
N GLU A 27 13.42 34.05 22.30
CA GLU A 27 12.72 33.22 21.30
C GLU A 27 11.34 33.78 21.05
N ASP A 28 11.30 34.67 20.05
CA ASP A 28 10.08 35.14 19.43
C ASP A 28 9.61 34.10 18.41
N VAL A 29 9.44 32.88 18.93
CA VAL A 29 9.06 31.73 18.13
C VAL A 29 7.81 31.11 18.73
N VAL A 30 7.62 31.34 20.01
CA VAL A 30 6.44 30.84 20.70
C VAL A 30 5.26 31.75 20.38
N ILE A 31 4.07 31.17 20.31
CA ILE A 31 2.82 31.87 20.03
C ILE A 31 1.87 31.64 21.19
N ASP A 32 1.27 32.71 21.69
CA ASP A 32 0.31 32.56 22.79
C ASP A 32 -0.80 31.62 22.38
N ARG A 33 -1.07 30.62 23.22
CA ARG A 33 -2.13 29.65 22.95
C ARG A 33 -3.47 30.32 22.65
N ASN A 34 -3.68 31.53 23.15
N ASN A 34 -3.69 31.52 23.17
CA ASN A 34 -4.98 32.14 23.01
CA ASN A 34 -5.00 32.15 23.00
C ASN A 34 -5.21 32.63 21.58
C ASN A 34 -5.19 32.74 21.62
N LEU A 35 -4.14 32.85 20.82
CA LEU A 35 -4.28 33.24 19.43
C LEU A 35 -4.66 32.06 18.53
N LEU A 36 -4.86 30.87 19.08
CA LEU A 36 -5.00 29.67 18.29
C LEU A 36 -6.34 29.02 18.58
N ILE A 37 -7.04 28.61 17.53
CA ILE A 37 -8.29 27.90 17.66
C ILE A 37 -8.15 26.58 16.91
N LEU A 38 -8.52 25.49 17.56
CA LEU A 38 -8.28 24.14 17.03
C LEU A 38 -9.56 23.48 16.53
N GLY A 39 -9.48 22.86 15.36
CA GLY A 39 -10.65 22.24 14.78
C GLY A 39 -10.47 20.76 14.62
N LYS A 40 -11.01 20.23 13.51
CA LYS A 40 -11.01 18.80 13.17
C LYS A 40 -9.60 18.20 13.13
N ILE A 41 -9.54 16.87 13.25
CA ILE A 41 -8.33 16.08 12.99
C ILE A 41 -8.18 15.93 11.49
N LEU A 42 -6.99 16.22 10.97
CA LEU A 42 -6.68 15.97 9.57
C LEU A 42 -5.94 14.66 9.34
N GLY A 43 -5.39 14.05 10.38
CA GLY A 43 -4.55 12.88 10.22
C GLY A 43 -3.99 12.50 11.57
N GLU A 44 -3.50 11.25 11.65
CA GLU A 44 -2.90 10.70 12.86
C GLU A 44 -1.61 9.95 12.52
N GLY A 48 2.14 11.37 14.35
CA GLY A 48 1.10 11.49 15.36
C GLY A 48 -0.17 12.21 14.91
N SER A 49 -0.79 13.01 15.80
CA SER A 49 -2.11 13.62 15.58
C SER A 49 -2.04 15.08 15.06
N VAL A 50 -2.69 15.33 13.93
CA VAL A 50 -2.62 16.62 13.23
C VAL A 50 -4.02 17.22 13.10
N MET A 51 -4.18 18.47 13.53
CA MET A 51 -5.49 19.09 13.61
C MET A 51 -5.47 20.41 12.86
N GLU A 52 -6.56 20.67 12.14
CA GLU A 52 -6.76 22.00 11.58
C GLU A 52 -6.88 23.06 12.67
N GLY A 53 -6.60 24.30 12.28
CA GLY A 53 -6.72 25.40 13.21
C GLY A 53 -6.78 26.73 12.49
N ASN A 54 -7.09 27.77 13.28
CA ASN A 54 -7.01 29.17 12.90
C ASN A 54 -5.99 29.85 13.79
N LEU A 55 -5.15 30.66 13.16
CA LEU A 55 -4.12 31.43 13.85
C LEU A 55 -4.48 32.89 13.68
N LYS A 56 -4.61 33.60 14.78
CA LYS A 56 -4.81 35.04 14.71
C LYS A 56 -3.45 35.68 14.55
N GLN A 57 -3.24 36.40 13.45
CA GLN A 57 -1.92 36.92 13.12
C GLN A 57 -1.74 38.32 13.71
N GLU A 58 -0.57 38.89 13.45
CA GLU A 58 -0.22 40.18 14.01
C GLU A 58 -0.83 41.34 13.23
N ASP A 59 -1.22 41.13 11.97
CA ASP A 59 -1.96 42.15 11.24
C ASP A 59 -3.44 42.09 11.49
N GLY A 60 -3.90 41.35 12.50
CA GLY A 60 -5.34 41.27 12.80
C GLY A 60 -6.11 40.22 12.02
N THR A 61 -5.56 39.71 10.92
CA THR A 61 -6.26 38.67 10.15
C THR A 61 -5.96 37.28 10.72
N SER A 62 -6.83 36.34 10.42
CA SER A 62 -6.69 34.98 10.88
C SER A 62 -6.25 34.10 9.72
N LEU A 63 -5.34 33.16 10.03
CA LEU A 63 -4.73 32.25 9.05
C LEU A 63 -5.13 30.82 9.32
N LYS A 64 -5.50 30.08 8.27
CA LYS A 64 -5.78 28.67 8.46
C LYS A 64 -4.48 27.93 8.66
N VAL A 65 -4.39 27.13 9.71
CA VAL A 65 -3.15 26.45 10.06
C VAL A 65 -3.40 24.97 10.30
N ALA A 66 -2.32 24.22 10.25
CA ALA A 66 -2.30 22.82 10.66
C ALA A 66 -1.44 22.72 11.91
N VAL A 67 -1.89 21.92 12.87
CA VAL A 67 -1.32 21.93 14.23
C VAL A 67 -0.97 20.51 14.59
N LYS A 68 0.31 20.26 14.76
CA LYS A 68 0.85 18.92 14.98
C LYS A 68 1.14 18.74 16.45
N THR A 69 0.42 17.81 17.07
CA THR A 69 0.60 17.49 18.48
C THR A 69 1.85 16.63 18.58
N MET A 70 2.89 17.14 19.24
CA MET A 70 4.14 16.42 19.44
C MET A 70 4.12 15.82 20.84
N LYS A 71 3.56 14.59 20.96
CA LYS A 71 3.50 13.89 22.24
C LYS A 71 4.90 13.62 22.78
N LEU A 72 5.23 14.20 23.93
CA LEU A 72 6.59 14.21 24.42
C LEU A 72 6.69 13.55 25.79
N ASP A 73 7.92 13.13 26.10
CA ASP A 73 8.30 12.54 27.39
C ASP A 73 8.81 13.68 28.27
N ASN A 74 7.95 14.15 29.18
CA ASN A 74 8.30 15.24 30.09
C ASN A 74 8.84 14.75 31.43
N SER A 75 9.32 13.50 31.51
CA SER A 75 10.19 13.07 32.62
C SER A 75 11.42 13.98 32.73
N SER A 76 12.04 14.29 31.58
CA SER A 76 13.18 15.20 31.45
C SER A 76 12.70 16.48 30.74
N GLN A 77 13.62 17.14 30.05
CA GLN A 77 13.29 18.32 29.28
C GLN A 77 13.67 18.10 27.82
N ILE A 80 10.77 19.11 26.33
CA ILE A 80 9.98 20.33 26.23
C ILE A 80 10.93 21.42 25.74
N GLU A 81 11.98 21.73 26.50
CA GLU A 81 13.10 22.48 25.94
C GLU A 81 13.84 21.50 25.05
N GLU A 82 14.99 21.91 24.54
CA GLU A 82 15.74 21.05 23.63
C GLU A 82 14.87 20.67 22.43
N PHE A 83 13.91 21.54 22.11
CA PHE A 83 12.81 21.29 21.18
C PHE A 83 12.42 22.61 20.55
N LEU A 84 12.42 23.67 21.38
CA LEU A 84 12.41 25.03 20.87
C LEU A 84 13.71 25.42 20.27
N SER A 85 14.69 24.53 20.10
CA SER A 85 15.94 24.92 19.46
C SER A 85 15.81 24.86 17.95
N GLU A 86 15.58 23.66 17.41
CA GLU A 86 15.41 23.52 15.97
C GLU A 86 14.31 24.44 15.48
N ALA A 87 13.18 24.47 16.22
CA ALA A 87 12.02 25.22 15.77
C ALA A 87 12.36 26.67 15.51
N ALA A 88 13.31 27.21 16.26
CA ALA A 88 13.71 28.58 16.02
C ALA A 88 14.56 28.70 14.75
N CYS A 89 15.42 27.70 14.48
CA CYS A 89 16.13 27.63 13.20
C CYS A 89 15.14 27.40 12.06
N MET A 90 14.27 26.41 12.25
CA MET A 90 13.26 26.09 11.24
C MET A 90 12.39 27.28 10.90
N LYS A 91 12.14 28.16 11.86
CA LYS A 91 11.41 29.38 11.56
C LYS A 91 12.22 30.29 10.65
N ASP A 92 13.55 30.19 10.67
CA ASP A 92 14.34 31.02 9.79
C ASP A 92 14.40 30.49 8.35
N PHE A 93 13.78 29.34 8.05
CA PHE A 93 13.76 28.81 6.71
C PHE A 93 12.74 29.53 5.85
N SER A 94 13.20 30.02 4.69
CA SER A 94 12.33 30.62 3.67
C SER A 94 12.83 30.10 2.33
N HIS A 95 12.27 28.97 1.92
CA HIS A 95 12.38 28.43 0.60
C HIS A 95 10.97 27.98 0.21
N PRO A 96 10.53 28.26 -1.03
CA PRO A 96 9.18 27.85 -1.40
C PRO A 96 8.97 26.34 -1.46
N ASN A 97 10.02 25.52 -1.50
CA ASN A 97 9.90 24.08 -1.48
C ASN A 97 10.17 23.50 -0.11
N VAL A 98 10.05 24.31 0.95
CA VAL A 98 10.28 23.88 2.33
C VAL A 98 9.13 24.43 3.15
N ILE A 99 8.34 23.54 3.76
CA ILE A 99 7.22 24.04 4.54
C ILE A 99 7.76 25.05 5.57
N ARG A 100 6.98 26.09 5.84
CA ARG A 100 7.32 27.12 6.81
C ARG A 100 6.80 26.73 8.18
N LEU A 101 7.64 26.91 9.17
CA LEU A 101 7.20 26.88 10.55
C LEU A 101 6.62 28.25 10.92
N LEU A 102 5.37 28.29 11.38
CA LEU A 102 4.86 29.58 11.82
C LEU A 102 5.19 29.83 13.28
N GLY A 103 5.18 28.78 14.10
CA GLY A 103 5.63 28.89 15.47
C GLY A 103 5.24 27.66 16.27
N VAL A 104 5.31 27.80 17.59
CA VAL A 104 4.99 26.73 18.55
C VAL A 104 4.07 27.28 19.64
N CYS A 105 3.11 26.45 20.08
CA CYS A 105 2.19 26.78 21.17
C CYS A 105 2.26 25.70 22.24
N ILE A 106 1.84 26.05 23.47
CA ILE A 106 1.79 25.13 24.59
C ILE A 106 0.39 25.09 25.18
N GLU A 107 -0.07 23.89 25.54
CA GLU A 107 -1.33 23.72 26.24
C GLU A 107 -1.12 23.06 27.60
N PRO A 114 1.56 20.63 29.97
CA PRO A 114 2.63 20.91 28.99
C PRO A 114 2.50 20.13 27.68
N LYS A 115 1.82 20.70 26.69
CA LYS A 115 1.62 20.04 25.40
C LYS A 115 2.14 20.95 24.29
N PRO A 116 3.39 20.75 23.83
CA PRO A 116 3.86 21.52 22.67
C PRO A 116 3.07 21.20 21.41
N MET A 117 2.78 22.23 20.64
CA MET A 117 2.09 22.12 19.37
C MET A 117 2.87 22.89 18.31
N VAL A 118 3.14 22.23 17.19
CA VAL A 118 3.86 22.84 16.10
C VAL A 118 2.84 23.44 15.12
N ILE A 119 2.99 24.71 14.77
CA ILE A 119 2.00 25.40 13.93
C ILE A 119 2.54 25.53 12.51
N LEU A 120 1.82 24.95 11.57
CA LEU A 120 2.23 24.90 10.18
C LEU A 120 1.15 25.49 9.29
N PRO A 121 1.48 25.87 8.08
CA PRO A 121 0.45 26.28 7.14
C PRO A 121 -0.46 25.12 6.77
N PHE A 122 -1.68 25.48 6.39
CA PHE A 122 -2.70 24.55 5.91
C PHE A 122 -2.67 24.49 4.39
N MET A 123 -2.65 23.27 3.83
CA MET A 123 -2.56 23.12 2.39
C MET A 123 -3.72 22.25 1.96
N LYS A 124 -4.69 22.90 1.35
CA LYS A 124 -5.95 22.24 1.10
C LYS A 124 -5.78 21.05 0.16
N TYR A 125 -4.71 21.05 -0.68
CA TYR A 125 -4.46 19.96 -1.61
C TYR A 125 -3.76 18.76 -1.01
N GLY A 126 -3.34 18.85 0.27
CA GLY A 126 -2.87 17.72 1.07
C GLY A 126 -1.50 17.19 0.62
N ASP A 127 -1.21 15.97 1.06
CA ASP A 127 0.09 15.38 0.85
C ASP A 127 0.19 14.77 -0.54
N LEU A 128 1.41 14.64 -1.03
CA LEU A 128 1.60 14.24 -2.41
C LEU A 128 1.29 12.76 -2.60
N HIS A 129 1.58 11.95 -1.60
CA HIS A 129 1.28 10.53 -1.77
C HIS A 129 -0.20 10.32 -2.09
N THR A 130 -1.08 10.93 -1.29
CA THR A 130 -2.51 10.75 -1.54
C THR A 130 -2.92 11.32 -2.89
N TYR A 131 -2.42 12.52 -3.20
CA TYR A 131 -2.70 13.11 -4.52
C TYR A 131 -2.35 12.12 -5.61
N LEU A 132 -1.23 11.40 -5.44
CA LEU A 132 -0.79 10.44 -6.47
C LEU A 132 -1.83 9.34 -6.67
N LEU A 133 -2.32 8.77 -5.56
CA LEU A 133 -3.34 7.73 -5.68
C LEU A 133 -4.61 8.27 -6.30
N TYR A 134 -5.11 9.40 -5.78
CA TYR A 134 -6.32 9.99 -6.32
C TYR A 134 -6.24 10.15 -7.81
N SER A 135 -5.07 10.49 -8.29
CA SER A 135 -4.91 10.79 -9.70
C SER A 135 -5.17 9.57 -10.56
N ARG A 136 -5.22 8.40 -9.96
CA ARG A 136 -5.50 7.18 -10.71
C ARG A 136 -6.98 6.85 -10.68
N LEU A 137 -7.79 7.66 -9.97
CA LEU A 137 -9.23 7.56 -10.00
C LEU A 137 -9.83 8.67 -10.86
N GLU A 138 -10.82 8.31 -11.68
CA GLU A 138 -11.74 9.30 -12.24
C GLU A 138 -12.29 10.16 -11.11
N THR A 139 -12.62 11.40 -11.42
CA THR A 139 -13.08 12.37 -10.43
C THR A 139 -11.87 13.01 -9.75
N GLY A 140 -10.87 12.24 -9.43
CA GLY A 140 -9.67 12.83 -8.92
C GLY A 140 -8.87 13.43 -10.04
N PRO A 141 -7.76 14.07 -9.66
CA PRO A 141 -6.89 14.71 -10.64
C PRO A 141 -6.72 13.88 -11.90
N LYS A 142 -6.54 14.55 -13.04
CA LYS A 142 -6.31 13.82 -14.26
C LYS A 142 -5.04 13.06 -14.13
N HIS A 143 -4.89 12.05 -14.97
CA HIS A 143 -3.62 11.40 -15.13
C HIS A 143 -2.54 12.47 -15.08
N ILE A 144 -1.52 12.23 -14.27
CA ILE A 144 -0.41 13.16 -14.12
C ILE A 144 0.58 12.81 -15.21
N PRO A 145 0.88 13.73 -16.13
CA PRO A 145 1.93 13.45 -17.12
C PRO A 145 3.31 13.48 -16.49
N LEU A 146 4.27 12.92 -17.24
CA LEU A 146 5.61 12.77 -16.72
C LEU A 146 6.25 14.11 -16.40
N GLN A 147 6.02 15.10 -17.25
CA GLN A 147 6.59 16.41 -17.00
C GLN A 147 6.21 16.89 -15.62
N THR A 148 4.92 16.74 -15.27
CA THR A 148 4.45 17.15 -13.96
C THR A 148 5.06 16.28 -12.86
N LEU A 149 5.11 14.96 -13.07
CA LEU A 149 5.78 14.08 -12.12
C LEU A 149 7.22 14.50 -11.86
N LEU A 150 7.94 14.87 -12.91
CA LEU A 150 9.33 15.28 -12.72
C LEU A 150 9.41 16.59 -11.99
N LYS A 151 8.50 17.51 -12.30
CA LYS A 151 8.48 18.79 -11.61
C LYS A 151 8.28 18.60 -10.11
N PHE A 152 7.46 17.60 -9.71
CA PHE A 152 7.38 17.19 -8.31
C PHE A 152 8.75 16.81 -7.76
N MET A 153 9.52 16.05 -8.54
CA MET A 153 10.81 15.59 -8.03
C MET A 153 11.79 16.74 -7.94
N VAL A 154 11.68 17.70 -8.85
CA VAL A 154 12.54 18.87 -8.81
C VAL A 154 12.25 19.71 -7.57
N ASP A 155 10.98 20.05 -7.34
CA ASP A 155 10.59 20.76 -6.12
C ASP A 155 11.23 20.11 -4.89
N ILE A 156 11.12 18.80 -4.76
CA ILE A 156 11.59 18.15 -3.54
C ILE A 156 13.09 18.22 -3.50
N ALA A 157 13.70 18.00 -4.65
CA ALA A 157 15.14 18.09 -4.73
C ALA A 157 15.60 19.50 -4.37
N LEU A 158 14.89 20.50 -4.88
CA LEU A 158 15.22 21.86 -4.50
C LEU A 158 15.06 22.06 -3.01
N GLY A 159 13.95 21.59 -2.43
CA GLY A 159 13.77 21.75 -0.99
C GLY A 159 14.87 21.04 -0.22
N MET A 160 15.21 19.81 -0.61
CA MET A 160 16.23 19.11 0.15
C MET A 160 17.60 19.75 -0.05
N GLU A 161 17.83 20.32 -1.23
CA GLU A 161 19.07 21.01 -1.45
C GLU A 161 19.22 22.19 -0.48
N TYR A 162 18.17 23.01 -0.37
CA TYR A 162 18.19 24.10 0.62
C TYR A 162 18.56 23.58 1.99
N LEU A 163 17.93 22.47 2.43
CA LEU A 163 18.11 21.99 3.79
C LEU A 163 19.49 21.42 3.98
N SER A 164 19.97 20.71 2.97
CA SER A 164 21.31 20.14 3.04
C SER A 164 22.40 21.21 3.05
N ASN A 165 22.16 22.37 2.43
CA ASN A 165 23.13 23.46 2.43
C ASN A 165 23.23 24.12 3.80
N ARG A 166 22.20 23.95 4.63
CA ARG A 166 22.18 24.38 6.02
C ARG A 166 22.35 23.19 6.96
N ASN A 167 22.92 22.10 6.44
CA ASN A 167 23.30 20.94 7.24
C ASN A 167 22.16 20.47 8.13
N PHE A 168 20.91 20.65 7.64
CA PHE A 168 19.71 20.11 8.29
C PHE A 168 19.39 18.74 7.72
N LEU A 169 19.32 17.74 8.57
CA LEU A 169 18.92 16.42 8.15
C LEU A 169 17.42 16.28 8.28
N HIS A 170 16.84 15.52 7.36
CA HIS A 170 15.40 15.31 7.37
C HIS A 170 15.05 14.05 8.16
N ARG A 171 15.61 12.90 7.78
CA ARG A 171 15.49 11.66 8.50
C ARG A 171 14.13 10.97 8.30
N ASP A 172 13.20 11.53 7.48
CA ASP A 172 11.87 10.94 7.32
C ASP A 172 11.29 11.25 5.93
N LEU A 173 12.13 11.35 4.92
CA LEU A 173 11.66 11.86 3.66
C LEU A 173 10.86 10.78 2.94
N ALA A 174 9.65 11.12 2.51
CA ALA A 174 8.79 10.18 1.80
C ALA A 174 7.68 10.99 1.20
N ALA A 175 7.01 10.39 0.22
CA ALA A 175 5.99 11.18 -0.48
C ALA A 175 4.87 11.59 0.46
N ARG A 176 4.56 10.77 1.47
CA ARG A 176 3.50 11.13 2.42
C ARG A 176 3.85 12.37 3.24
N ASN A 177 5.13 12.75 3.32
N ASN A 177 5.11 12.76 3.37
CA ASN A 177 5.55 13.92 4.08
CA ASN A 177 5.38 14.01 4.07
C ASN A 177 5.94 15.07 3.16
C ASN A 177 6.01 15.04 3.14
N CYS A 178 5.61 14.99 1.88
CA CYS A 178 5.69 16.13 0.97
C CYS A 178 4.28 16.71 0.76
N MET A 179 4.18 18.03 0.67
CA MET A 179 2.85 18.65 0.69
C MET A 179 2.62 19.46 -0.58
N LEU A 180 1.37 19.57 -1.03
CA LEU A 180 1.03 20.37 -2.21
C LEU A 180 0.53 21.76 -1.79
N ARG A 181 1.26 22.79 -2.21
CA ARG A 181 0.88 24.17 -1.96
C ARG A 181 -0.28 24.54 -2.87
N ASP A 182 -0.92 25.69 -2.59
CA ASP A 182 -2.11 26.05 -3.36
C ASP A 182 -1.79 26.22 -4.85
N ASP A 183 -0.53 26.51 -5.21
CA ASP A 183 -0.04 26.64 -6.59
C ASP A 183 0.52 25.36 -7.15
N MET A 184 0.31 24.22 -6.48
CA MET A 184 0.69 22.89 -6.97
C MET A 184 2.19 22.66 -7.01
N THR A 185 2.99 23.58 -6.48
CA THR A 185 4.39 23.28 -6.20
C THR A 185 4.41 22.43 -4.95
N VAL A 186 5.39 21.53 -4.88
CA VAL A 186 5.56 20.64 -3.74
C VAL A 186 6.51 21.24 -2.72
N CYS A 187 6.27 20.99 -1.44
CA CYS A 187 7.23 21.38 -0.41
C CYS A 187 7.50 20.23 0.55
N VAL A 188 8.78 20.06 0.95
CA VAL A 188 9.11 19.02 1.94
C VAL A 188 8.64 19.43 3.34
N ALA A 189 8.17 18.43 4.11
CA ALA A 189 7.64 18.67 5.45
C ALA A 189 8.05 17.54 6.41
N ASP A 190 7.68 17.68 7.69
CA ASP A 190 8.03 16.70 8.75
C ASP A 190 9.52 16.58 8.98
N PHE A 191 10.27 17.61 8.70
CA PHE A 191 11.64 17.65 9.18
C PHE A 191 11.58 18.21 10.60
N GLY A 192 12.15 17.48 11.55
CA GLY A 192 12.00 17.76 12.97
C GLY A 192 10.68 17.20 13.45
N PRO A 212 8.82 3.23 8.54
CA PRO A 212 9.71 3.97 7.66
C PRO A 212 10.74 3.06 7.01
N VAL A 213 10.74 1.80 7.46
CA VAL A 213 11.78 0.81 7.12
C VAL A 213 12.18 0.88 5.65
N LYS A 214 11.20 0.83 4.78
CA LYS A 214 11.47 0.80 3.35
C LYS A 214 12.01 2.11 2.77
N TRP A 215 12.16 3.17 3.58
CA TRP A 215 12.82 4.40 3.12
C TRP A 215 14.23 4.58 3.70
N ILE A 216 14.73 3.65 4.52
CA ILE A 216 15.93 3.90 5.30
C ILE A 216 17.15 3.39 4.55
N ALA A 217 18.17 4.24 4.41
CA ALA A 217 19.35 3.76 3.72
C ALA A 217 19.97 2.58 4.49
N ILE A 218 20.64 1.71 3.73
CA ILE A 218 21.19 0.46 4.23
C ILE A 218 22.18 0.69 5.36
N GLU A 219 23.02 1.72 5.26
CA GLU A 219 23.97 1.95 6.35
C GLU A 219 23.26 2.40 7.62
N SER A 220 22.10 3.02 7.48
CA SER A 220 21.35 3.46 8.64
C SER A 220 20.48 2.37 9.23
N LEU A 221 20.38 1.21 8.58
CA LEU A 221 19.73 0.06 9.21
C LEU A 221 20.71 -0.71 10.10
N ALA A 222 21.89 -1.06 9.58
CA ALA A 222 22.89 -1.72 10.40
C ALA A 222 23.22 -0.87 11.63
N ASP A 223 23.66 0.36 11.41
CA ASP A 223 23.81 1.33 12.48
C ASP A 223 22.47 2.03 12.66
N ARG A 224 22.49 3.24 13.20
CA ARG A 224 21.34 4.13 13.11
C ARG A 224 21.81 5.55 12.86
N VAL A 225 22.96 5.69 12.18
CA VAL A 225 23.53 6.98 11.82
C VAL A 225 22.89 7.49 10.54
N TYR A 226 22.77 8.83 10.41
CA TYR A 226 22.15 9.49 9.25
C TYR A 226 23.05 10.62 8.75
N THR A 227 23.63 10.46 7.58
CA THR A 227 24.19 11.59 6.87
C THR A 227 23.15 12.18 5.93
N SER A 228 23.53 13.22 5.19
CA SER A 228 22.64 13.73 4.15
C SER A 228 22.53 12.74 3.00
N LYS A 229 23.52 11.90 2.83
CA LYS A 229 23.45 10.87 1.83
C LYS A 229 22.47 9.77 2.22
N SER A 230 22.06 9.70 3.49
CA SER A 230 20.94 8.82 3.85
C SER A 230 19.60 9.40 3.42
N ASP A 231 19.43 10.70 3.59
CA ASP A 231 18.36 11.44 2.95
C ASP A 231 18.37 11.26 1.42
N VAL A 232 19.53 11.30 0.77
CA VAL A 232 19.52 11.13 -0.69
C VAL A 232 18.84 9.81 -1.03
N TRP A 233 19.17 8.76 -0.27
CA TRP A 233 18.56 7.44 -0.48
C TRP A 233 17.04 7.50 -0.37
N ALA A 234 16.55 8.14 0.70
CA ALA A 234 15.11 8.26 0.86
C ALA A 234 14.52 9.08 -0.28
N PHE A 235 15.28 10.04 -0.83
CA PHE A 235 14.76 10.84 -1.93
C PHE A 235 14.61 9.95 -3.16
N GLY A 236 15.54 9.03 -3.35
CA GLY A 236 15.42 8.09 -4.45
C GLY A 236 14.18 7.22 -4.28
N VAL A 237 13.89 6.82 -3.05
CA VAL A 237 12.67 6.04 -2.89
C VAL A 237 11.46 6.91 -3.19
N THR A 238 11.50 8.15 -2.71
CA THR A 238 10.39 9.03 -2.96
C THR A 238 10.17 9.24 -4.45
N MET A 239 11.27 9.27 -5.22
CA MET A 239 11.13 9.45 -6.66
C MET A 239 10.39 8.27 -7.25
N TRP A 240 10.79 7.06 -6.83
CA TRP A 240 10.11 5.83 -7.20
C TRP A 240 8.64 5.87 -6.78
N GLU A 241 8.36 6.40 -5.58
CA GLU A 241 6.94 6.54 -5.18
C GLU A 241 6.22 7.39 -6.20
N ILE A 242 6.87 8.45 -6.66
CA ILE A 242 6.21 9.36 -7.55
C ILE A 242 6.07 8.74 -8.93
N ALA A 243 7.11 8.07 -9.40
CA ALA A 243 7.05 7.51 -10.74
C ALA A 243 6.04 6.37 -10.84
N THR A 244 5.81 5.63 -9.74
CA THR A 244 4.80 4.58 -9.66
C THR A 244 3.40 5.10 -9.34
N ARG A 245 3.22 6.41 -9.13
CA ARG A 245 1.91 6.95 -8.79
C ARG A 245 1.35 6.29 -7.52
N GLY A 246 2.25 6.04 -6.60
CA GLY A 246 1.93 5.78 -5.21
C GLY A 246 2.08 4.36 -4.72
N MET A 247 2.76 3.51 -5.46
CA MET A 247 2.96 2.16 -4.98
C MET A 247 3.80 2.15 -3.71
N THR A 248 3.53 1.17 -2.88
CA THR A 248 4.34 0.94 -1.73
C THR A 248 5.66 0.35 -2.19
N PRO A 249 6.78 0.78 -1.61
CA PRO A 249 8.08 0.27 -2.09
C PRO A 249 8.27 -1.24 -1.85
N TYR A 250 9.06 -1.87 -2.75
CA TYR A 250 9.45 -3.27 -2.69
C TYR A 250 8.22 -4.17 -2.55
N PRO A 251 7.38 -4.26 -3.56
CA PRO A 251 6.30 -5.26 -3.51
C PRO A 251 6.85 -6.67 -3.39
N GLY A 252 6.23 -7.49 -2.53
CA GLY A 252 6.66 -8.87 -2.33
C GLY A 252 7.68 -9.06 -1.23
N VAL A 253 8.26 -7.96 -0.72
CA VAL A 253 9.26 -7.99 0.34
C VAL A 253 8.64 -7.40 1.59
N GLN A 254 8.77 -8.12 2.69
CA GLN A 254 8.24 -7.65 3.95
C GLN A 254 9.28 -6.77 4.59
N ASN A 255 8.84 -5.95 5.56
CA ASN A 255 9.78 -5.04 6.19
C ASN A 255 10.89 -5.81 6.93
N HIS A 256 10.59 -6.99 7.48
CA HIS A 256 11.65 -7.78 8.12
C HIS A 256 12.66 -8.36 7.13
N GLU A 257 12.28 -8.53 5.85
CA GLU A 257 13.18 -9.03 4.81
C GLU A 257 14.11 -7.94 4.25
N MET A 258 13.99 -6.68 4.68
CA MET A 258 14.57 -5.57 3.91
C MET A 258 16.08 -5.47 4.03
N TYR A 259 16.66 -5.64 5.22
CA TYR A 259 18.11 -5.50 5.32
C TYR A 259 18.84 -6.59 4.55
N ASP A 260 18.39 -7.83 4.69
CA ASP A 260 18.99 -8.91 3.91
C ASP A 260 18.76 -8.70 2.43
N TYR A 261 17.53 -8.30 2.06
CA TYR A 261 17.25 -7.93 0.67
C TYR A 261 18.29 -6.94 0.16
N LEU A 262 18.59 -5.89 0.96
CA LEU A 262 19.48 -4.85 0.48
C LEU A 262 20.94 -5.27 0.59
N LEU A 263 21.26 -6.01 1.64
CA LEU A 263 22.62 -6.53 1.81
C LEU A 263 23.07 -7.31 0.57
N HIS A 264 22.18 -8.23 0.02
CA HIS A 264 22.47 -8.97 -1.23
C HIS A 264 22.34 -8.09 -2.48
N GLY A 265 22.28 -6.75 -2.31
CA GLY A 265 22.32 -5.80 -3.40
C GLY A 265 21.08 -5.75 -4.30
N HIS A 266 19.93 -6.19 -3.83
CA HIS A 266 18.72 -5.93 -4.58
C HIS A 266 18.26 -4.50 -4.30
N ARG A 267 17.70 -3.88 -5.32
CA ARG A 267 17.27 -2.49 -5.22
C ARG A 267 15.87 -2.39 -5.81
N LEU A 268 15.20 -1.24 -5.59
CA LEU A 268 13.86 -1.08 -6.16
C LEU A 268 13.90 -1.26 -7.65
N LYS A 269 12.94 -2.02 -8.17
CA LYS A 269 12.88 -2.31 -9.60
C LYS A 269 12.38 -1.10 -10.39
N GLN A 270 12.74 -1.07 -11.65
CA GLN A 270 12.33 0.07 -12.46
C GLN A 270 10.86 -0.02 -12.88
N PRO A 271 10.09 1.08 -12.78
CA PRO A 271 8.67 1.06 -13.20
C PRO A 271 8.52 1.02 -14.70
N GLU A 272 7.26 0.73 -15.11
CA GLU A 272 6.92 0.30 -16.47
C GLU A 272 7.16 1.43 -17.47
N ASP A 273 6.69 2.63 -17.16
CA ASP A 273 6.79 3.77 -18.07
C ASP A 273 7.99 4.66 -17.80
N CYS A 274 8.81 4.30 -16.84
CA CYS A 274 9.85 5.20 -16.37
C CYS A 274 10.99 5.25 -17.37
N LEU A 275 11.33 6.47 -17.83
CA LEU A 275 12.52 6.64 -18.67
C LEU A 275 13.72 6.03 -18.01
N ASP A 276 14.56 5.37 -18.84
CA ASP A 276 15.83 4.85 -18.37
C ASP A 276 16.63 5.91 -17.61
N GLU A 277 16.59 7.15 -18.08
CA GLU A 277 17.41 8.22 -17.50
C GLU A 277 16.92 8.59 -16.13
N LEU A 278 15.60 8.59 -15.93
CA LEU A 278 15.10 8.86 -14.60
C LEU A 278 15.44 7.72 -13.66
N TYR A 279 15.34 6.48 -14.14
CA TYR A 279 15.69 5.36 -13.26
C TYR A 279 17.16 5.35 -12.90
N GLU A 280 18.05 5.79 -13.78
CA GLU A 280 19.45 5.85 -13.41
C GLU A 280 19.66 6.87 -12.29
N ILE A 281 18.98 8.01 -12.37
CA ILE A 281 19.07 9.01 -11.31
C ILE A 281 18.63 8.42 -9.99
N MET A 282 17.50 7.72 -9.99
CA MET A 282 17.01 7.18 -8.72
C MET A 282 17.91 6.05 -8.22
N TYR A 283 18.44 5.22 -9.13
CA TYR A 283 19.31 4.11 -8.68
C TYR A 283 20.62 4.63 -8.10
N SER A 284 21.16 5.69 -8.68
CA SER A 284 22.31 6.34 -8.07
C SER A 284 22.07 6.72 -6.62
N CYS A 285 20.80 6.97 -6.21
CA CYS A 285 20.61 7.31 -4.81
C CYS A 285 20.78 6.12 -3.89
N TRP A 286 20.88 4.90 -4.41
CA TRP A 286 20.89 3.74 -3.53
C TRP A 286 22.22 3.03 -3.55
N ARG A 287 23.30 3.67 -4.05
CA ARG A 287 24.59 2.98 -4.07
C ARG A 287 24.98 2.61 -2.65
N THR A 288 25.58 1.43 -2.52
CA THR A 288 25.91 0.91 -1.20
C THR A 288 26.82 1.84 -0.41
N ASP A 289 27.76 2.51 -1.10
CA ASP A 289 28.63 3.48 -0.42
C ASP A 289 27.97 4.85 -0.44
N PRO A 290 27.61 5.43 0.70
CA PRO A 290 27.02 6.78 0.66
C PRO A 290 27.86 7.75 -0.10
N LEU A 291 29.17 7.51 -0.17
CA LEU A 291 30.06 8.44 -0.85
C LEU A 291 29.83 8.42 -2.34
N ASP A 292 29.37 7.28 -2.85
CA ASP A 292 29.10 7.18 -4.28
C ASP A 292 27.78 7.83 -4.64
N ARG A 293 26.93 8.12 -3.65
CA ARG A 293 25.68 8.74 -4.02
C ARG A 293 25.94 10.20 -4.36
N PRO A 294 25.17 10.80 -5.27
CA PRO A 294 25.27 12.25 -5.47
C PRO A 294 24.64 13.04 -4.33
N THR A 295 25.05 14.33 -4.28
CA THR A 295 24.41 15.33 -3.47
C THR A 295 23.05 15.73 -4.04
N PHE A 296 22.25 16.44 -3.22
CA PHE A 296 20.96 16.91 -3.70
C PHE A 296 21.13 18.01 -4.74
N SER A 297 22.23 18.76 -4.69
N SER A 297 22.24 18.76 -4.67
CA SER A 297 22.45 19.76 -5.72
CA SER A 297 22.48 19.75 -5.68
C SER A 297 22.82 19.12 -7.05
C SER A 297 22.81 19.12 -7.03
N VAL A 298 23.56 18.00 -7.04
CA VAL A 298 23.78 17.28 -8.29
C VAL A 298 22.44 16.73 -8.82
N LEU A 299 21.69 16.05 -7.95
CA LEU A 299 20.40 15.49 -8.37
C LEU A 299 19.47 16.57 -8.89
N ARG A 300 19.46 17.72 -8.24
CA ARG A 300 18.47 18.70 -8.66
C ARG A 300 18.74 19.15 -10.09
N LEU A 301 19.99 19.38 -10.44
CA LEU A 301 20.29 19.83 -11.80
C LEU A 301 20.03 18.72 -12.82
N GLN A 302 20.46 17.48 -12.54
CA GLN A 302 20.12 16.32 -13.38
C GLN A 302 18.64 16.25 -13.73
N LEU A 303 17.77 16.35 -12.72
CA LEU A 303 16.34 16.31 -12.98
C LEU A 303 15.86 17.54 -13.74
N GLU A 304 16.36 18.72 -13.37
CA GLU A 304 15.97 19.92 -14.11
C GLU A 304 16.29 19.78 -15.59
N LYS A 305 17.50 19.29 -15.90
CA LYS A 305 17.92 19.07 -17.28
C LYS A 305 17.00 18.09 -18.00
N LEU A 306 16.67 16.98 -17.34
CA LEU A 306 15.86 15.96 -17.99
C LEU A 306 14.49 16.52 -18.27
N LEU A 307 13.94 17.23 -17.32
CA LEU A 307 12.65 17.85 -17.57
C LEU A 307 12.73 18.78 -18.78
N GLU A 308 13.78 19.62 -18.86
CA GLU A 308 13.89 20.54 -19.99
C GLU A 308 14.06 19.80 -21.29
N SER A 309 14.68 18.63 -21.26
CA SER A 309 14.83 17.77 -22.41
C SER A 309 13.53 17.05 -22.82
N LEU A 310 12.39 17.46 -22.29
CA LEU A 310 11.11 16.87 -22.65
C LEU A 310 10.19 17.91 -23.28
N PRO A 311 9.24 17.50 -24.11
CA PRO A 311 8.29 18.46 -24.65
C PRO A 311 7.24 18.92 -23.63
N ASP A 312 6.36 19.86 -24.03
CA ASP A 312 5.33 20.41 -23.15
C ASP A 312 3.94 19.87 -23.48
N ASN B 24 -15.48 -42.89 10.98
CA ASN B 24 -14.05 -42.61 10.93
C ASN B 24 -13.45 -42.83 9.54
N LYS B 25 -14.29 -43.07 8.53
CA LYS B 25 -13.77 -43.08 7.17
C LYS B 25 -13.43 -41.68 6.69
N LEU B 26 -13.63 -40.68 7.53
CA LEU B 26 -13.15 -39.33 7.31
C LEU B 26 -11.64 -39.20 7.54
N GLU B 27 -10.91 -40.31 7.45
CA GLU B 27 -9.46 -40.30 7.34
C GLU B 27 -9.01 -40.34 5.87
N ASP B 28 -9.90 -39.98 4.94
CA ASP B 28 -9.47 -39.86 3.56
C ASP B 28 -8.54 -38.66 3.38
N VAL B 29 -8.79 -37.57 4.12
CA VAL B 29 -7.99 -36.35 3.98
C VAL B 29 -6.60 -36.55 4.56
N VAL B 30 -6.49 -37.36 5.62
CA VAL B 30 -5.25 -37.43 6.38
C VAL B 30 -4.13 -38.01 5.54
N ILE B 31 -2.98 -37.39 5.65
CA ILE B 31 -1.78 -37.84 4.98
C ILE B 31 -0.75 -38.16 6.06
N ASP B 32 -0.06 -39.27 5.90
CA ASP B 32 1.01 -39.61 6.83
C ASP B 32 2.13 -38.58 6.74
N ARG B 33 2.48 -38.01 7.88
CA ARG B 33 3.54 -37.02 7.94
C ARG B 33 4.84 -37.46 7.24
N ASN B 34 5.11 -38.76 7.18
CA ASN B 34 6.37 -39.25 6.61
C ASN B 34 6.39 -39.14 5.09
N LEU B 35 5.24 -38.95 4.48
CA LEU B 35 5.18 -38.68 3.05
C LEU B 35 5.50 -37.25 2.70
N LEU B 36 5.90 -36.44 3.69
CA LEU B 36 6.01 -35.00 3.51
C LEU B 36 7.38 -34.51 3.95
N ILE B 37 7.99 -33.68 3.11
CA ILE B 37 9.23 -33.01 3.42
C ILE B 37 8.94 -31.51 3.34
N LEU B 38 9.42 -30.73 4.33
CA LEU B 38 9.18 -29.30 4.36
C LEU B 38 10.45 -28.52 4.04
N GLY B 39 10.29 -27.43 3.30
CA GLY B 39 11.41 -26.59 2.95
C GLY B 39 11.26 -25.18 3.45
N LYS B 40 11.48 -24.20 2.56
CA LYS B 40 11.62 -22.79 2.90
C LYS B 40 10.25 -22.13 3.08
N ILE B 41 10.27 -20.87 3.56
CA ILE B 41 9.08 -20.03 3.64
C ILE B 41 8.68 -19.53 2.27
N LEU B 42 7.38 -19.56 2.00
CA LEU B 42 6.77 -18.85 0.90
C LEU B 42 6.05 -17.60 1.36
N GLY B 43 5.38 -17.67 2.50
CA GLY B 43 4.61 -16.56 3.05
C GLY B 43 4.35 -16.80 4.52
N GLU B 44 3.88 -15.75 5.21
CA GLU B 44 3.61 -15.86 6.64
C GLU B 44 2.82 -14.64 7.10
N PHE B 47 -3.64 -16.28 11.17
CA PHE B 47 -2.29 -16.13 10.65
C PHE B 47 -1.54 -17.47 10.70
N GLY B 48 -0.43 -17.52 9.98
CA GLY B 48 0.41 -18.70 9.97
C GLY B 48 1.53 -18.55 8.97
N SER B 49 2.46 -19.51 9.02
CA SER B 49 3.57 -19.60 8.08
C SER B 49 3.24 -20.64 7.01
N VAL B 50 3.45 -20.29 5.75
CA VAL B 50 3.20 -21.18 4.62
C VAL B 50 4.55 -21.64 4.07
N MET B 51 4.78 -22.96 4.11
CA MET B 51 6.03 -23.61 3.72
C MET B 51 5.89 -24.30 2.37
N GLU B 52 6.96 -24.27 1.59
CA GLU B 52 7.04 -25.19 0.47
C GLU B 52 7.30 -26.61 0.99
N GLY B 53 6.83 -27.61 0.26
CA GLY B 53 7.19 -28.96 0.63
C GLY B 53 7.16 -29.90 -0.55
N ASN B 54 7.51 -31.18 -0.27
CA ASN B 54 7.34 -32.27 -1.22
C ASN B 54 6.40 -33.32 -0.66
N LEU B 55 5.55 -33.84 -1.52
CA LEU B 55 4.58 -34.84 -1.12
C LEU B 55 4.82 -36.07 -1.94
N LYS B 56 5.26 -37.13 -1.30
CA LYS B 56 5.33 -38.41 -1.98
C LYS B 56 3.91 -38.87 -2.19
N GLN B 57 3.58 -39.12 -3.44
CA GLN B 57 2.26 -39.61 -3.79
C GLN B 57 2.27 -41.12 -3.90
N GLU B 58 1.07 -41.71 -4.03
CA GLU B 58 0.93 -43.16 -4.06
C GLU B 58 1.38 -43.76 -5.39
N ASP B 59 1.49 -42.94 -6.42
CA ASP B 59 2.04 -43.42 -7.68
C ASP B 59 3.56 -43.40 -7.70
N GLY B 60 4.21 -43.17 -6.57
CA GLY B 60 5.68 -43.07 -6.51
C GLY B 60 6.29 -41.69 -6.74
N THR B 61 5.73 -40.90 -7.66
CA THR B 61 6.29 -39.57 -7.91
C THR B 61 6.06 -38.66 -6.72
N SER B 62 6.98 -37.67 -6.56
CA SER B 62 6.86 -36.65 -5.55
C SER B 62 6.32 -35.36 -6.18
N LEU B 63 5.46 -34.65 -5.42
CA LEU B 63 4.73 -33.49 -5.91
C LEU B 63 5.13 -32.29 -5.07
N LYS B 64 5.39 -31.15 -5.72
CA LYS B 64 5.65 -29.93 -4.98
C LYS B 64 4.36 -29.42 -4.39
N VAL B 65 4.39 -29.14 -3.09
CA VAL B 65 3.19 -28.70 -2.36
C VAL B 65 3.47 -27.46 -1.52
N ALA B 66 2.39 -26.76 -1.19
CA ALA B 66 2.46 -25.71 -0.18
C ALA B 66 1.75 -26.21 1.08
N VAL B 67 2.28 -25.84 2.24
CA VAL B 67 1.86 -26.39 3.52
C VAL B 67 1.52 -25.23 4.41
N LYS B 68 0.29 -25.20 4.89
CA LYS B 68 -0.19 -24.11 5.74
C LYS B 68 -0.26 -24.63 7.17
N THR B 69 0.35 -23.92 8.08
CA THR B 69 0.19 -24.28 9.49
C THR B 69 -1.08 -23.74 10.11
N GLU B 82 -14.81 -29.81 14.85
CA GLU B 82 -13.52 -30.41 14.50
C GLU B 82 -12.96 -29.82 13.24
N PHE B 83 -11.68 -30.04 13.06
CA PHE B 83 -10.92 -29.44 12.00
C PHE B 83 -10.81 -30.33 10.78
N LEU B 84 -10.82 -31.66 10.99
CA LEU B 84 -10.70 -32.62 9.90
C LEU B 84 -11.99 -32.82 9.11
N SER B 85 -13.14 -32.65 9.77
CA SER B 85 -14.42 -32.79 9.08
C SER B 85 -14.60 -31.69 8.06
N GLU B 86 -14.22 -30.45 8.42
CA GLU B 86 -14.24 -29.35 7.47
C GLU B 86 -13.36 -29.68 6.27
N ALA B 87 -12.13 -30.09 6.55
CA ALA B 87 -11.21 -30.41 5.48
C ALA B 87 -11.76 -31.49 4.60
N ALA B 88 -12.44 -32.48 5.20
CA ALA B 88 -13.08 -33.52 4.41
C ALA B 88 -14.05 -32.92 3.40
N CYS B 89 -14.78 -31.85 3.78
CA CYS B 89 -15.67 -31.18 2.83
C CYS B 89 -14.86 -30.46 1.76
N MET B 90 -13.87 -29.71 2.19
CA MET B 90 -13.07 -28.95 1.23
C MET B 90 -12.31 -29.87 0.29
N LYS B 91 -12.04 -31.12 0.69
CA LYS B 91 -11.32 -32.02 -0.22
C LYS B 91 -12.24 -32.56 -1.29
N ASP B 92 -13.53 -32.65 -1.00
CA ASP B 92 -14.53 -33.01 -2.00
C ASP B 92 -14.82 -31.88 -2.98
N PHE B 93 -14.42 -30.65 -2.70
CA PHE B 93 -14.61 -29.56 -3.66
C PHE B 93 -13.75 -29.82 -4.87
N SER B 94 -14.33 -29.62 -6.04
CA SER B 94 -13.56 -29.74 -7.28
C SER B 94 -14.10 -28.70 -8.23
N HIS B 95 -13.29 -27.68 -8.51
CA HIS B 95 -13.59 -26.71 -9.53
C HIS B 95 -12.22 -26.17 -9.91
N PRO B 96 -11.94 -26.01 -11.21
CA PRO B 96 -10.65 -25.42 -11.61
C PRO B 96 -10.35 -24.06 -10.97
N ASN B 97 -11.36 -23.32 -10.50
CA ASN B 97 -11.16 -21.98 -9.93
C ASN B 97 -11.30 -21.97 -8.41
N VAL B 98 -11.20 -23.13 -7.77
CA VAL B 98 -11.16 -23.29 -6.32
C VAL B 98 -9.93 -24.12 -6.01
N ILE B 99 -9.09 -23.63 -5.11
CA ILE B 99 -7.86 -24.35 -4.84
C ILE B 99 -8.21 -25.73 -4.30
N ARG B 100 -7.41 -26.73 -4.69
CA ARG B 100 -7.57 -28.10 -4.21
C ARG B 100 -6.94 -28.27 -2.83
N LEU B 101 -7.69 -28.84 -1.93
CA LEU B 101 -7.11 -29.37 -0.71
C LEU B 101 -6.63 -30.78 -1.01
N LEU B 102 -5.31 -31.00 -0.91
CA LEU B 102 -4.75 -32.31 -1.19
C LEU B 102 -4.86 -33.22 0.00
N GLY B 103 -4.67 -32.68 1.20
CA GLY B 103 -4.85 -33.42 2.43
C GLY B 103 -4.46 -32.60 3.65
N VAL B 104 -4.33 -33.30 4.77
CA VAL B 104 -3.85 -32.71 6.01
C VAL B 104 -2.95 -33.71 6.71
N CYS B 105 -1.93 -33.18 7.39
CA CYS B 105 -1.00 -33.96 8.21
C CYS B 105 -1.15 -33.49 9.64
N ILE B 106 -1.14 -34.44 10.57
CA ILE B 106 -1.15 -34.15 12.00
C ILE B 106 0.22 -34.53 12.54
N GLU B 107 1.01 -33.52 12.85
CA GLU B 107 2.31 -33.74 13.45
C GLU B 107 2.10 -33.83 14.95
N MET B 108 2.20 -35.04 15.50
CA MET B 108 2.36 -35.21 16.93
C MET B 108 3.61 -34.45 17.35
N SER B 109 3.47 -33.48 18.25
CA SER B 109 4.69 -32.81 18.73
C SER B 109 5.44 -33.74 19.69
N SER B 110 6.75 -33.49 19.83
CA SER B 110 7.55 -34.26 20.78
C SER B 110 6.84 -34.32 22.13
N GLN B 111 6.21 -33.22 22.53
CA GLN B 111 5.53 -33.10 23.80
C GLN B 111 4.08 -33.59 23.78
N GLY B 112 3.62 -34.15 22.64
CA GLY B 112 2.28 -34.67 22.50
C GLY B 112 1.30 -33.75 21.80
N ILE B 113 1.61 -32.47 21.67
CA ILE B 113 0.66 -31.56 21.04
C ILE B 113 0.38 -32.03 19.61
N PRO B 114 -0.85 -31.96 19.12
CA PRO B 114 -1.08 -32.16 17.69
C PRO B 114 -0.86 -30.86 16.93
N LYS B 115 -0.10 -30.93 15.83
CA LYS B 115 0.11 -29.78 14.95
C LYS B 115 -0.46 -30.11 13.58
N PRO B 116 -1.56 -29.50 13.15
CA PRO B 116 -2.13 -29.81 11.83
C PRO B 116 -1.54 -28.92 10.75
N MET B 117 -1.30 -29.52 9.60
CA MET B 117 -0.76 -28.78 8.47
C MET B 117 -1.63 -29.04 7.26
N VAL B 118 -2.03 -27.98 6.58
CA VAL B 118 -2.90 -28.10 5.44
C VAL B 118 -2.06 -28.17 4.17
N ILE B 119 -2.30 -29.21 3.36
CA ILE B 119 -1.47 -29.49 2.19
C ILE B 119 -2.19 -28.98 0.97
N LEU B 120 -1.53 -28.10 0.23
CA LEU B 120 -2.13 -27.48 -0.93
C LEU B 120 -1.19 -27.58 -2.12
N PRO B 121 -1.70 -27.38 -3.31
CA PRO B 121 -0.83 -27.28 -4.47
C PRO B 121 0.12 -26.08 -4.38
N PHE B 122 1.22 -26.21 -5.12
CA PHE B 122 2.24 -25.19 -5.26
C PHE B 122 1.98 -24.39 -6.54
N MET B 123 1.94 -23.08 -6.41
CA MET B 123 1.63 -22.18 -7.52
C MET B 123 2.78 -21.18 -7.68
N LYS B 124 3.65 -21.48 -8.64
CA LYS B 124 4.89 -20.70 -8.75
C LYS B 124 4.61 -19.25 -9.12
N TYR B 125 3.51 -18.99 -9.84
CA TYR B 125 3.15 -17.64 -10.21
C TYR B 125 2.56 -16.84 -9.04
N GLY B 126 2.29 -17.47 -7.89
CA GLY B 126 2.03 -16.75 -6.63
C GLY B 126 0.62 -16.17 -6.52
N ASP B 127 0.42 -15.28 -5.54
CA ASP B 127 -0.89 -14.69 -5.34
C ASP B 127 -1.11 -13.56 -6.35
N LEU B 128 -2.38 -13.33 -6.69
CA LEU B 128 -2.73 -12.35 -7.74
C LEU B 128 -2.37 -10.93 -7.31
N HIS B 129 -2.54 -10.61 -6.03
CA HIS B 129 -2.22 -9.24 -5.66
C HIS B 129 -0.78 -8.90 -6.00
N THR B 130 0.17 -9.75 -5.61
CA THR B 130 1.57 -9.45 -5.87
C THR B 130 1.82 -9.45 -7.37
N TYR B 131 1.20 -10.39 -8.07
CA TYR B 131 1.36 -10.41 -9.52
C TYR B 131 0.91 -9.09 -10.14
N LEU B 132 -0.17 -8.50 -9.63
CA LEU B 132 -0.65 -7.24 -10.21
C LEU B 132 0.38 -6.13 -10.06
N LEU B 133 1.01 -6.05 -8.88
CA LEU B 133 1.99 -5.00 -8.64
C LEU B 133 3.24 -5.23 -9.48
N TYR B 134 3.70 -6.48 -9.55
CA TYR B 134 4.84 -6.80 -10.39
C TYR B 134 4.59 -6.37 -11.81
N SER B 135 3.37 -6.52 -12.28
CA SER B 135 3.09 -6.22 -13.68
C SER B 135 3.38 -4.76 -14.02
N ARG B 136 3.45 -3.88 -13.03
N ARG B 136 3.50 -3.90 -13.00
CA ARG B 136 3.73 -2.48 -13.27
CA ARG B 136 3.75 -2.48 -13.17
C ARG B 136 5.22 -2.15 -13.21
C ARG B 136 5.22 -2.13 -13.11
N LEU B 137 6.07 -3.12 -12.86
CA LEU B 137 7.50 -3.00 -13.02
C LEU B 137 7.90 -3.55 -14.40
N GLU B 138 8.80 -2.83 -15.09
CA GLU B 138 9.65 -3.47 -16.07
C GLU B 138 10.44 -4.56 -15.36
N THR B 139 10.51 -5.74 -15.97
CA THR B 139 11.10 -6.97 -15.41
C THR B 139 10.02 -7.88 -14.83
N GLY B 140 8.97 -7.30 -14.26
CA GLY B 140 7.83 -8.09 -13.94
C GLY B 140 7.06 -8.46 -15.20
N PRO B 141 6.00 -9.24 -15.03
CA PRO B 141 5.14 -9.53 -16.18
C PRO B 141 4.76 -8.26 -16.91
N LYS B 142 4.44 -8.37 -18.19
CA LYS B 142 4.16 -7.17 -18.94
C LYS B 142 2.80 -6.61 -18.56
N HIS B 143 2.60 -5.34 -18.89
CA HIS B 143 1.33 -4.69 -18.68
C HIS B 143 0.20 -5.68 -18.94
N ILE B 144 -0.76 -5.73 -18.02
CA ILE B 144 -1.86 -6.66 -18.09
C ILE B 144 -3.00 -5.95 -18.85
N PRO B 145 -3.37 -6.41 -20.02
CA PRO B 145 -4.48 -5.75 -20.72
C PRO B 145 -5.81 -6.05 -20.05
N LEU B 146 -6.79 -5.24 -20.43
CA LEU B 146 -8.10 -5.29 -19.78
C LEU B 146 -8.73 -6.65 -19.94
N GLN B 147 -8.56 -7.26 -21.11
CA GLN B 147 -9.24 -8.53 -21.33
C GLN B 147 -8.69 -9.55 -20.38
N THR B 148 -7.42 -9.46 -20.07
CA THR B 148 -6.82 -10.41 -19.13
C THR B 148 -7.25 -10.13 -17.69
N LEU B 149 -7.36 -8.84 -17.33
CA LEU B 149 -7.88 -8.47 -16.02
C LEU B 149 -9.32 -8.95 -15.85
N LEU B 150 -10.13 -8.87 -16.92
CA LEU B 150 -11.52 -9.32 -16.79
C LEU B 150 -11.59 -10.82 -16.60
N LYS B 151 -10.75 -11.57 -17.34
CA LYS B 151 -10.74 -13.03 -17.21
C LYS B 151 -10.35 -13.43 -15.79
N PHE B 152 -9.35 -12.75 -15.20
CA PHE B 152 -9.10 -12.91 -13.76
C PHE B 152 -10.40 -12.80 -13.00
N MET B 153 -11.22 -11.80 -13.34
CA MET B 153 -12.44 -11.57 -12.55
C MET B 153 -13.44 -12.67 -12.78
N VAL B 154 -13.50 -13.18 -14.02
CA VAL B 154 -14.41 -14.25 -14.36
C VAL B 154 -14.03 -15.49 -13.59
N ASP B 155 -12.72 -15.80 -13.57
CA ASP B 155 -12.22 -16.96 -12.84
C ASP B 155 -12.67 -16.93 -11.39
N ILE B 156 -12.58 -15.77 -10.76
CA ILE B 156 -12.87 -15.71 -9.35
C ILE B 156 -14.35 -15.86 -9.14
N ALA B 157 -15.15 -15.30 -10.04
CA ALA B 157 -16.60 -15.40 -9.91
C ALA B 157 -17.06 -16.83 -10.20
N LEU B 158 -16.40 -17.52 -11.13
CA LEU B 158 -16.72 -18.93 -11.35
C LEU B 158 -16.51 -19.72 -10.08
N GLY B 159 -15.37 -19.50 -9.42
CA GLY B 159 -15.06 -20.25 -8.23
C GLY B 159 -15.99 -19.92 -7.09
N MET B 160 -16.29 -18.62 -6.91
CA MET B 160 -17.21 -18.23 -5.87
C MET B 160 -18.64 -18.69 -6.19
N GLU B 161 -18.97 -18.80 -7.47
CA GLU B 161 -20.26 -19.34 -7.83
C GLU B 161 -20.32 -20.80 -7.42
N TYR B 162 -19.22 -21.52 -7.58
CA TYR B 162 -19.19 -22.92 -7.12
C TYR B 162 -19.45 -23.01 -5.62
N LEU B 163 -18.77 -22.17 -4.83
CA LEU B 163 -18.88 -22.29 -3.38
C LEU B 163 -20.25 -21.84 -2.88
N SER B 164 -20.74 -20.70 -3.40
CA SER B 164 -22.05 -20.19 -3.01
C SER B 164 -23.14 -21.21 -3.31
N ASN B 165 -23.04 -21.90 -4.45
CA ASN B 165 -24.02 -22.92 -4.78
C ASN B 165 -23.94 -24.11 -3.80
N ARG B 166 -22.81 -24.30 -3.13
CA ARG B 166 -22.65 -25.29 -2.06
C ARG B 166 -22.86 -24.67 -0.69
N ASN B 167 -23.45 -23.48 -0.64
CA ASN B 167 -23.78 -22.79 0.61
C ASN B 167 -22.57 -22.76 1.53
N PHE B 168 -21.41 -22.51 0.92
CA PHE B 168 -20.16 -22.32 1.62
C PHE B 168 -19.76 -20.84 1.57
N LEU B 169 -19.25 -20.34 2.68
CA LEU B 169 -18.94 -18.92 2.83
C LEU B 169 -17.45 -18.70 2.91
N HIS B 170 -16.97 -17.70 2.17
CA HIS B 170 -15.53 -17.48 2.11
C HIS B 170 -15.06 -16.69 3.32
N ARG B 171 -15.62 -15.51 3.53
CA ARG B 171 -15.35 -14.68 4.69
C ARG B 171 -14.00 -14.00 4.64
N ASP B 172 -13.20 -14.18 3.57
CA ASP B 172 -11.86 -13.56 3.52
C ASP B 172 -11.44 -13.36 2.05
N LEU B 173 -12.37 -12.98 1.19
CA LEU B 173 -12.03 -12.89 -0.22
C LEU B 173 -11.32 -11.58 -0.52
N ALA B 174 -10.20 -11.67 -1.25
CA ALA B 174 -9.38 -10.51 -1.56
C ALA B 174 -8.33 -10.98 -2.55
N ALA B 175 -7.72 -10.01 -3.26
CA ALA B 175 -6.76 -10.42 -4.28
C ALA B 175 -5.58 -11.18 -3.69
N ARG B 176 -5.23 -10.90 -2.45
CA ARG B 176 -4.09 -11.63 -1.87
C ARG B 176 -4.44 -13.10 -1.61
N ASN B 177 -5.73 -13.44 -1.51
CA ASN B 177 -6.17 -14.82 -1.31
C ASN B 177 -6.64 -15.47 -2.60
N CYS B 178 -6.29 -14.89 -3.74
CA CYS B 178 -6.50 -15.51 -5.05
C CYS B 178 -5.15 -15.93 -5.57
N MET B 179 -5.04 -17.15 -6.12
CA MET B 179 -3.74 -17.69 -6.55
C MET B 179 -3.78 -17.92 -8.05
N LEU B 180 -2.62 -17.74 -8.69
CA LEU B 180 -2.44 -17.98 -10.12
C LEU B 180 -1.90 -19.38 -10.39
N ARG B 181 -2.60 -20.12 -11.24
CA ARG B 181 -2.17 -21.47 -11.57
C ARG B 181 -1.15 -21.43 -12.71
N ASP B 182 -0.47 -22.57 -12.88
CA ASP B 182 0.55 -22.65 -13.91
C ASP B 182 0.01 -22.27 -15.29
N ASP B 183 -1.30 -22.40 -15.50
CA ASP B 183 -1.93 -21.97 -16.75
C ASP B 183 -2.51 -20.57 -16.65
N MET B 184 -2.12 -19.81 -15.62
CA MET B 184 -2.60 -18.43 -15.43
C MET B 184 -4.12 -18.31 -15.32
N THR B 185 -4.85 -19.38 -15.00
CA THR B 185 -6.19 -19.22 -14.46
C THR B 185 -6.03 -18.88 -12.99
N VAL B 186 -7.00 -18.15 -12.47
CA VAL B 186 -7.05 -17.80 -11.04
C VAL B 186 -7.91 -18.83 -10.34
N CYS B 187 -7.54 -19.18 -9.11
CA CYS B 187 -8.41 -19.91 -8.22
C CYS B 187 -8.44 -19.18 -6.88
N VAL B 188 -9.58 -19.30 -6.16
CA VAL B 188 -9.65 -18.67 -4.85
C VAL B 188 -9.16 -19.64 -3.79
N ALA B 189 -8.62 -19.07 -2.71
CA ALA B 189 -7.97 -19.81 -1.64
C ALA B 189 -8.27 -19.15 -0.30
N ASP B 190 -7.72 -19.73 0.78
CA ASP B 190 -7.94 -19.30 2.16
C ASP B 190 -9.44 -19.49 2.47
N PRO B 212 -9.16 -7.13 8.32
CA PRO B 212 -9.11 -6.54 6.98
C PRO B 212 -10.38 -5.76 6.65
N VAL B 213 -10.54 -4.62 7.33
CA VAL B 213 -11.83 -3.94 7.36
C VAL B 213 -12.29 -3.53 5.98
N LYS B 214 -11.35 -3.13 5.10
CA LYS B 214 -11.74 -2.50 3.83
C LYS B 214 -12.34 -3.46 2.83
N TRP B 215 -12.40 -4.76 3.14
CA TRP B 215 -13.16 -5.75 2.36
C TRP B 215 -14.43 -6.24 3.03
N ILE B 216 -14.78 -5.73 4.20
CA ILE B 216 -15.92 -6.23 4.96
C ILE B 216 -17.18 -5.45 4.56
N ALA B 217 -18.24 -6.16 4.22
CA ALA B 217 -19.47 -5.46 3.83
C ALA B 217 -20.04 -4.68 5.02
N ILE B 218 -20.71 -3.57 4.70
CA ILE B 218 -21.18 -2.68 5.74
C ILE B 218 -22.02 -3.42 6.78
N GLU B 219 -22.87 -4.35 6.33
CA GLU B 219 -23.74 -5.02 7.30
C GLU B 219 -22.93 -5.86 8.29
N SER B 220 -21.80 -6.43 7.86
CA SER B 220 -20.98 -7.33 8.67
C SER B 220 -20.06 -6.58 9.61
N LEU B 221 -19.96 -5.27 9.47
CA LEU B 221 -19.21 -4.48 10.43
C LEU B 221 -20.01 -4.24 11.70
N ALA B 222 -21.32 -4.04 11.56
CA ALA B 222 -22.22 -3.81 12.70
C ALA B 222 -22.71 -5.13 13.30
N ASP B 223 -23.55 -5.85 12.57
CA ASP B 223 -24.19 -7.06 13.09
C ASP B 223 -23.21 -8.20 13.31
N ARG B 224 -22.05 -8.18 12.67
CA ARG B 224 -21.20 -9.36 12.61
C ARG B 224 -21.99 -10.55 12.09
N VAL B 225 -22.75 -10.32 11.01
CA VAL B 225 -23.43 -11.37 10.27
C VAL B 225 -22.89 -11.38 8.85
N TYR B 226 -22.66 -12.57 8.29
CA TYR B 226 -22.05 -12.76 6.98
C TYR B 226 -22.93 -13.68 6.13
N THR B 227 -23.42 -13.18 5.00
CA THR B 227 -24.11 -14.01 4.01
C THR B 227 -23.20 -14.24 2.81
N SER B 228 -23.65 -15.08 1.88
CA SER B 228 -23.01 -15.09 0.57
C SER B 228 -22.99 -13.70 -0.07
N LYS B 229 -23.97 -12.86 0.26
CA LYS B 229 -23.99 -11.48 -0.23
C LYS B 229 -22.91 -10.61 0.44
N SER B 230 -22.41 -10.98 1.60
CA SER B 230 -21.22 -10.30 2.09
C SER B 230 -19.99 -10.69 1.28
N ASP B 231 -19.91 -11.94 0.81
CA ASP B 231 -18.82 -12.32 -0.10
C ASP B 231 -18.90 -11.50 -1.39
N VAL B 232 -20.12 -11.21 -1.86
CA VAL B 232 -20.27 -10.44 -3.10
C VAL B 232 -19.61 -9.07 -2.94
N TRP B 233 -19.91 -8.41 -1.83
CA TRP B 233 -19.25 -7.13 -1.53
C TRP B 233 -17.73 -7.25 -1.59
N ALA B 234 -17.19 -8.27 -0.95
CA ALA B 234 -15.75 -8.47 -1.01
C ALA B 234 -15.30 -8.73 -2.44
N PHE B 235 -16.12 -9.44 -3.19
CA PHE B 235 -15.74 -9.73 -4.56
C PHE B 235 -15.61 -8.42 -5.29
N GLY B 236 -16.55 -7.52 -5.06
CA GLY B 236 -16.50 -6.24 -5.73
C GLY B 236 -15.24 -5.47 -5.39
N VAL B 237 -14.83 -5.49 -4.12
CA VAL B 237 -13.57 -4.85 -3.74
C VAL B 237 -12.43 -5.50 -4.52
N THR B 238 -12.49 -6.84 -4.68
CA THR B 238 -11.43 -7.56 -5.38
C THR B 238 -11.36 -7.16 -6.85
N MET B 239 -12.50 -6.91 -7.48
CA MET B 239 -12.49 -6.49 -8.85
C MET B 239 -11.83 -5.12 -8.97
N TRP B 240 -12.03 -4.28 -7.95
CA TRP B 240 -11.41 -2.95 -7.92
C TRP B 240 -9.92 -3.07 -7.72
N GLU B 241 -9.49 -3.97 -6.81
CA GLU B 241 -8.07 -4.27 -6.64
C GLU B 241 -7.44 -4.66 -7.95
N ILE B 242 -8.14 -5.49 -8.73
CA ILE B 242 -7.60 -5.92 -10.03
C ILE B 242 -7.61 -4.76 -11.03
N ALA B 243 -8.74 -4.07 -11.13
CA ALA B 243 -8.87 -2.98 -12.07
C ALA B 243 -7.79 -1.92 -11.87
N THR B 244 -7.40 -1.68 -10.62
CA THR B 244 -6.37 -0.70 -10.29
C THR B 244 -5.01 -1.32 -10.29
N ARG B 245 -4.90 -2.62 -10.57
CA ARG B 245 -3.60 -3.26 -10.55
C ARG B 245 -2.93 -3.11 -9.19
N GLY B 246 -3.70 -3.36 -8.12
CA GLY B 246 -3.15 -3.53 -6.80
C GLY B 246 -3.18 -2.36 -5.84
N MET B 247 -3.93 -1.29 -6.14
CA MET B 247 -4.10 -0.24 -5.14
C MET B 247 -4.80 -0.81 -3.92
N THR B 248 -4.40 -0.32 -2.76
CA THR B 248 -5.14 -0.57 -1.55
C THR B 248 -6.46 0.19 -1.65
N PRO B 249 -7.58 -0.44 -1.25
CA PRO B 249 -8.87 0.22 -1.31
C PRO B 249 -8.93 1.51 -0.46
N TYR B 250 -9.78 2.44 -0.89
CA TYR B 250 -10.08 3.66 -0.13
C TYR B 250 -8.80 4.43 0.25
N PRO B 251 -8.02 4.89 -0.74
CA PRO B 251 -6.93 5.82 -0.45
C PRO B 251 -7.46 7.07 0.21
N GLY B 252 -6.77 7.53 1.26
CA GLY B 252 -7.20 8.70 2.01
C GLY B 252 -8.07 8.41 3.20
N VAL B 253 -8.62 7.19 3.29
CA VAL B 253 -9.50 6.77 4.38
C VAL B 253 -8.73 5.78 5.26
N GLN B 254 -8.82 5.97 6.56
CA GLN B 254 -8.19 5.06 7.51
C GLN B 254 -9.19 3.97 7.89
N ASN B 255 -8.67 2.86 8.45
CA ASN B 255 -9.51 1.70 8.75
C ASN B 255 -10.59 2.01 9.79
N HIS B 256 -10.36 2.96 10.69
CA HIS B 256 -11.42 3.31 11.62
C HIS B 256 -12.46 4.27 11.05
N GLU B 257 -12.17 4.91 9.91
CA GLU B 257 -13.16 5.74 9.24
C GLU B 257 -14.13 4.96 8.35
N MET B 258 -13.95 3.63 8.17
CA MET B 258 -14.63 2.94 7.07
C MET B 258 -16.13 2.82 7.30
N TYR B 259 -16.56 2.48 8.52
CA TYR B 259 -17.99 2.38 8.79
C TYR B 259 -18.73 3.69 8.50
N ASP B 260 -18.35 4.80 9.16
CA ASP B 260 -19.00 6.08 8.87
C ASP B 260 -18.94 6.39 7.39
N TYR B 261 -17.77 6.18 6.78
CA TYR B 261 -17.60 6.44 5.36
C TYR B 261 -18.65 5.69 4.56
N LEU B 262 -18.79 4.38 4.81
CA LEU B 262 -19.75 3.56 4.07
C LEU B 262 -21.18 3.86 4.50
N LEU B 263 -21.37 4.18 5.77
CA LEU B 263 -22.70 4.49 6.26
C LEU B 263 -23.23 5.79 5.65
N HIS B 264 -22.36 6.80 5.45
CA HIS B 264 -22.75 8.00 4.72
C HIS B 264 -22.78 7.80 3.21
N GLY B 265 -22.75 6.55 2.71
CA GLY B 265 -23.02 6.29 1.30
C GLY B 265 -21.84 6.36 0.34
N HIS B 266 -20.63 6.58 0.84
CA HIS B 266 -19.44 6.58 -0.02
C HIS B 266 -18.97 5.15 -0.34
N ARG B 267 -18.40 5.00 -1.53
CA ARG B 267 -17.97 3.72 -2.09
C ARG B 267 -16.66 3.93 -2.84
N LEU B 268 -15.92 2.84 -3.03
CA LEU B 268 -14.74 2.88 -3.89
C LEU B 268 -15.06 3.62 -5.17
N LYS B 269 -14.21 4.56 -5.50
CA LYS B 269 -14.32 5.35 -6.69
C LYS B 269 -13.91 4.59 -7.93
N GLN B 270 -14.40 5.05 -9.03
CA GLN B 270 -14.09 4.38 -10.28
C GLN B 270 -12.63 4.64 -10.64
N PRO B 271 -11.90 3.63 -11.13
CA PRO B 271 -10.53 3.88 -11.63
C PRO B 271 -10.50 4.54 -13.00
N GLU B 272 -9.35 5.15 -13.31
CA GLU B 272 -9.22 6.10 -14.43
C GLU B 272 -9.61 5.47 -15.77
N ASP B 273 -9.15 4.25 -16.03
CA ASP B 273 -9.38 3.62 -17.34
C ASP B 273 -10.56 2.65 -17.37
N CYS B 274 -11.00 2.19 -16.20
CA CYS B 274 -12.10 1.24 -16.04
C CYS B 274 -13.40 1.68 -16.75
N LEU B 275 -13.74 0.94 -17.82
CA LEU B 275 -15.04 1.07 -18.50
C LEU B 275 -16.15 1.27 -17.51
N ASP B 276 -17.11 2.11 -17.89
CA ASP B 276 -18.30 2.30 -17.07
C ASP B 276 -18.99 0.97 -16.81
N GLU B 277 -19.05 0.12 -17.84
CA GLU B 277 -19.71 -1.17 -17.73
C GLU B 277 -19.10 -1.99 -16.59
N LEU B 278 -17.78 -2.03 -16.53
CA LEU B 278 -17.16 -2.75 -15.42
C LEU B 278 -17.46 -2.06 -14.09
N TYR B 279 -17.44 -0.72 -14.03
CA TYR B 279 -17.64 -0.09 -12.72
C TYR B 279 -19.06 -0.33 -12.20
N GLU B 280 -20.05 -0.38 -13.10
CA GLU B 280 -21.42 -0.64 -12.68
C GLU B 280 -21.55 -2.03 -12.07
N ILE B 281 -20.98 -3.02 -12.72
CA ILE B 281 -20.88 -4.35 -12.10
C ILE B 281 -20.29 -4.25 -10.72
N MET B 282 -19.08 -3.67 -10.59
CA MET B 282 -18.46 -3.68 -9.26
C MET B 282 -19.28 -2.87 -8.26
N TYR B 283 -19.89 -1.73 -8.68
CA TYR B 283 -20.71 -0.94 -7.76
C TYR B 283 -21.92 -1.72 -7.24
N SER B 284 -22.56 -2.51 -8.12
CA SER B 284 -23.69 -3.33 -7.69
C SER B 284 -23.34 -4.25 -6.55
N CYS B 285 -22.06 -4.57 -6.37
CA CYS B 285 -21.72 -5.43 -5.25
C CYS B 285 -21.77 -4.72 -3.92
N TRP B 286 -21.87 -3.39 -3.90
CA TRP B 286 -21.80 -2.66 -2.65
C TRP B 286 -23.12 -2.00 -2.34
N ARG B 287 -24.20 -2.38 -3.01
CA ARG B 287 -25.51 -1.81 -2.62
C ARG B 287 -25.76 -2.07 -1.14
N THR B 288 -26.30 -1.08 -0.47
CA THR B 288 -26.46 -1.12 0.99
C THR B 288 -27.29 -2.33 1.47
N ASP B 289 -28.32 -2.70 0.72
CA ASP B 289 -29.15 -3.84 1.11
C ASP B 289 -28.57 -5.08 0.44
N PRO B 290 -28.15 -6.10 1.20
CA PRO B 290 -27.55 -7.28 0.56
C PRO B 290 -28.41 -7.88 -0.52
N LEU B 291 -29.72 -7.80 -0.34
CA LEU B 291 -30.65 -8.41 -1.28
C LEU B 291 -30.60 -7.69 -2.63
N ASP B 292 -30.22 -6.42 -2.65
CA ASP B 292 -30.08 -5.72 -3.93
C ASP B 292 -28.80 -6.11 -4.66
N ARG B 293 -27.81 -6.79 -3.97
CA ARG B 293 -26.61 -7.20 -4.65
C ARG B 293 -26.89 -8.43 -5.51
N PRO B 294 -26.31 -8.54 -6.68
CA PRO B 294 -26.45 -9.78 -7.43
C PRO B 294 -25.71 -10.94 -6.77
N THR B 295 -26.13 -12.16 -7.17
CA THR B 295 -25.44 -13.41 -6.88
C THR B 295 -24.21 -13.52 -7.75
N PHE B 296 -23.36 -14.49 -7.42
CA PHE B 296 -22.17 -14.69 -8.22
C PHE B 296 -22.48 -15.21 -9.62
N SER B 297 -23.56 -16.01 -9.78
CA SER B 297 -23.85 -16.50 -11.11
C SER B 297 -24.31 -15.36 -12.00
N VAL B 298 -25.05 -14.38 -11.45
CA VAL B 298 -25.34 -13.20 -12.26
C VAL B 298 -24.04 -12.48 -12.60
N LEU B 299 -23.19 -12.22 -11.58
CA LEU B 299 -21.94 -11.51 -11.80
C LEU B 299 -21.08 -12.24 -12.83
N ARG B 300 -20.92 -13.55 -12.67
CA ARG B 300 -20.07 -14.27 -13.58
C ARG B 300 -20.50 -14.03 -15.02
N LEU B 301 -21.80 -13.98 -15.26
CA LEU B 301 -22.25 -13.91 -16.64
C LEU B 301 -22.13 -12.49 -17.16
N GLN B 302 -22.46 -11.49 -16.32
CA GLN B 302 -22.20 -10.08 -16.70
C GLN B 302 -20.76 -9.89 -17.17
N LEU B 303 -19.79 -10.42 -16.42
CA LEU B 303 -18.38 -10.27 -16.80
C LEU B 303 -18.03 -11.10 -18.03
N GLU B 304 -18.52 -12.34 -18.11
CA GLU B 304 -18.25 -13.12 -19.31
C GLU B 304 -18.76 -12.39 -20.56
N LYS B 305 -19.93 -11.77 -20.46
CA LYS B 305 -20.48 -11.11 -21.64
C LYS B 305 -19.73 -9.83 -21.96
N LEU B 306 -19.34 -9.05 -20.94
CA LEU B 306 -18.54 -7.85 -21.20
C LEU B 306 -17.23 -8.23 -21.86
N LEU B 307 -16.63 -9.33 -21.43
CA LEU B 307 -15.39 -9.75 -22.08
C LEU B 307 -15.62 -10.04 -23.55
N GLU B 308 -16.77 -10.64 -23.92
CA GLU B 308 -17.01 -10.92 -25.35
C GLU B 308 -17.37 -9.66 -26.13
N SER B 309 -17.92 -8.63 -25.48
CA SER B 309 -18.21 -7.37 -26.17
C SER B 309 -16.95 -6.63 -26.63
N LEU B 310 -15.79 -7.09 -26.22
CA LEU B 310 -14.51 -6.50 -26.54
C LEU B 310 -13.72 -7.41 -27.48
N PRO B 311 -12.81 -6.86 -28.25
CA PRO B 311 -11.92 -7.73 -29.05
C PRO B 311 -10.88 -8.43 -28.19
N ASP B 312 -10.08 -9.32 -28.79
CA ASP B 312 -9.14 -10.17 -28.05
C ASP B 312 -7.77 -9.53 -27.86
CL CL C . -8.87 25.84 20.81
CL CL D . 10.64 -3.29 -6.33
CL CL E . -0.63 1.00 -5.46
C14 K0X F . 2.88 18.43 7.60
C15 K0X F . 2.50 17.91 9.01
C16 K0X F . 3.06 16.50 9.35
C17 K0X F . 3.89 15.71 8.31
C13 K0X F . 1.86 19.33 6.90
C12 K0X F . 0.88 20.10 7.81
C10 K0X F . -1.32 20.00 6.43
C27 K0X F . -6.54 17.94 3.18
C28 K0X F . -7.88 18.72 3.51
C29 K0X F . -8.31 18.94 4.83
C19 K0X F . 2.33 13.75 8.36
C22 K0X F . -3.37 20.25 5.18
C24 K0X F . -4.62 18.09 4.85
C23 K0X F . -3.40 18.84 5.46
N01 K0X F . 0.19 12.48 8.54
C02 K0X F . 1.36 12.75 7.69
C03 K0X F . 0.91 13.30 6.30
C04 K0X F . -0.31 14.30 6.27
C05 K0X F . -0.32 15.59 7.14
C06 K0X F . -1.71 16.07 7.65
N07 K0X F . -2.57 16.74 6.64
C08 K0X F . -2.63 18.21 6.44
N09 K0X F . -1.77 18.97 7.04
N11 K0X F . -0.16 20.74 7.00
N18 K0X F . 3.02 14.78 7.59
O20 K0X F . 2.51 13.75 9.54
N21 K0X F . -2.36 20.78 6.00
O25 K0X F . -4.98 17.03 5.26
N26 K0X F . -5.37 18.68 3.73
C30 K0X F . -9.51 19.64 5.07
C31 K0X F . -10.30 20.11 4.03
F32 K0X F . -11.48 20.79 4.29
C33 K0X F . -9.88 19.89 2.72
C34 K0X F . -8.68 19.20 2.47
H141 K0X F . 3.06 17.67 7.03
H142 K0X F . 3.70 18.94 7.69
H152 K0X F . 1.54 17.88 9.09
H151 K0X F . 2.86 18.53 9.67
H162 K0X F . 2.29 15.94 9.58
H161 K0X F . 3.60 16.58 10.15
H172 K0X F . 4.27 16.34 7.67
H171 K0X F . 4.59 15.23 8.75
H131 K0X F . 1.34 18.79 6.29
H132 K0X F . 2.35 19.99 6.38
H121 K0X F . 0.49 19.49 8.45
H122 K0X F . 1.38 20.79 8.29
H272 K0X F . -6.45 17.84 2.23
H271 K0X F . -6.58 17.08 3.60
H291 K0X F . -7.80 18.64 5.54
H221 K0X F . -4.04 20.74 4.74
H011 K0X F . 0.10 13.12 9.15
H012 K0X F . 0.30 11.70 8.95
H021 K0X F . 1.83 11.92 7.55
H032 K0X F . 0.70 12.55 5.73
H031 K0X F . 1.67 13.76 5.90
H042 K0X F . -1.10 13.79 6.50
H041 K0X F . -0.42 14.58 5.34
H051 K0X F . 0.07 16.31 6.62
H052 K0X F . 0.25 15.44 7.92
H062 K0X F . -2.18 15.29 7.98
H061 K0X F . -1.57 16.67 8.38
H071 K0X F . -3.07 16.25 6.14
H111 K0X F . -0.09 21.59 6.85
H181 K0X F . 2.91 14.84 6.74
H261 K0X F . -5.15 19.45 3.41
H301 K0X F . -9.79 19.78 5.95
H331 K0X F . -10.40 20.20 2.01
H341 K0X F . -8.42 19.06 1.59
CL CL G . -11.65 4.92 -3.42
CL CL H . 10.00 -32.54 6.91
C14 K0X I . -2.78 -20.17 -0.67
C15 K0X I . -2.39 -20.46 0.79
C16 K0X I . -3.01 -19.49 1.81
C17 K0X I . -3.90 -18.34 1.27
C13 K0X I . -1.85 -20.78 -1.73
C12 K0X I . -0.99 -21.98 -1.24
C10 K0X I . 1.07 -21.35 -2.64
C27 K0X I . 5.86 -17.85 -5.38
C28 K0X I . 7.26 -18.55 -5.59
C29 K0X I . 8.07 -18.86 -4.50
C19 K0X I . -2.34 -16.49 2.17
C22 K0X I . 2.99 -20.94 -4.08
C24 K0X I . 4.29 -18.85 -3.62
C23 K0X I . 3.17 -19.85 -3.19
N01 K0X I . -0.62 -15.02 3.02
C02 K0X I . -1.58 -15.22 1.93
C03 K0X I . -0.84 -15.37 0.60
C04 K0X I . 0.41 -16.25 0.90
C05 K0X I . 0.75 -17.06 -0.37
C06 K0X I . 1.73 -18.19 -0.02
N07 K0X I . 2.59 -18.46 -1.21
C08 K0X I . 2.29 -19.56 -2.17
N09 K0X I . 1.63 -20.58 -1.78
N11 K0X I . 0.05 -22.32 -2.26
N18 K0X I . -3.14 -17.07 1.09
O20 K0X I . -2.22 -17.03 3.24
N21 K0X I . 1.89 -21.73 -3.63
O25 K0X I . 4.78 -18.11 -2.83
N26 K0X I . 4.75 -18.79 -5.02
C30 K0X I . 9.34 -19.44 -4.67
C31 K0X I . 9.82 -19.73 -5.95
F32 K0X I . 11.06 -20.30 -6.09
C33 K0X I . 9.03 -19.42 -7.06
C34 K0X I . 7.76 -18.83 -6.88
H141 K0X I . -2.80 -19.20 -0.80
H142 K0X I . -3.67 -20.52 -0.83
H152 K0X I . -1.43 -20.42 0.86
H151 K0X I . -2.69 -21.36 1.00
H162 K0X I . -2.28 -19.09 2.31
H161 K0X I . -3.54 -20.01 2.43
H172 K0X I . -4.27 -18.60 0.42
H171 K0X I . -4.61 -18.18 1.91
H131 K0X I . -1.26 -20.09 -2.05
H132 K0X I . -2.41 -21.08 -2.47
H121 K0X I . -0.56 -21.76 -0.40
H122 K0X I . -1.56 -22.76 -1.11
H272 K0X I . 5.61 -17.40 -6.21
H271 K0X I . 5.94 -17.19 -4.68
H291 K0X I . 7.78 -18.67 -3.64
H221 K0X I . 3.46 -21.07 -4.89
H011 K0X I . 0.06 -14.53 2.72
H012 K0X I . -0.32 -15.81 3.30
H021 K0X I . -2.19 -14.46 1.89
H032 K0X I . -0.58 -14.51 0.26
H031 K0X I . -1.42 -15.82 -0.04
H042 K0X I . 0.22 -16.86 1.63
H041 K0X I . 1.15 -15.68 1.15
H051 K0X I . 1.17 -16.48 -1.02
H052 K0X I . -0.05 -17.43 -0.75
H062 K0X I . 2.28 -17.93 0.72
H061 K0X I . 1.23 -18.99 0.20
H071 K0X I . 3.28 -17.97 -1.34
H111 K0X I . 0.06 -23.10 -2.62
H181 K0X I . -3.18 -16.66 0.33
H261 K0X I . 4.43 -19.34 -5.60
H301 K0X I . 9.86 -19.65 -3.92
H331 K0X I . 9.34 -19.61 -7.92
H341 K0X I . 7.24 -18.62 -7.62
#